data_7O0P
#
_entry.id   7O0P
#
_cell.length_a   64.150
_cell.length_b   64.150
_cell.length_c   225.410
_cell.angle_alpha   90.000
_cell.angle_beta   90.000
_cell.angle_gamma   120.000
#
_symmetry.space_group_name_H-M   'P 32 2 1'
#
loop_
_entity.id
_entity.type
_entity.pdbx_description
1 polymer 'N6-adenosine-methyltransferase catalytic subunit'
2 polymer 'N6-adenosine-methyltransferase non-catalytic subunit'
3 non-polymer 4-[4-[(4,4-dimethylpiperidin-1-yl)methyl]phenyl]-9-[6-(methylamino)pyrimidin-4-yl]-1,4,9-triazaspiro[5.5]undecan-2-one
4 non-polymer 'ACETATE ION'
5 water water
#
loop_
_entity_poly.entity_id
_entity_poly.type
_entity_poly.pdbx_seq_one_letter_code
_entity_poly.pdbx_strand_id
1 'polypeptide(L)'
;MGHHHHHHSSGRENLYFQGALTQSVGGDSSADRLFPPQWICCDIRYLDVSILGKFAVVMADPPWDIHMELPYGTLTDDEM
RRLNIPVLQDDGFLFLWVTGRAMELGRECLNLWGYERVDEIIWVKTNQLQRIIRTGRTGHWLNHGKEHCLVGVKGNPQGF
NQGLDCDVIVAEVRSTSHKPDEIYGMIERLSPGTRKIELFGRPHNVQPNWITLGNQLDGIHLLDPDVVARFKQRYPDGII
SKPKNL
;
A
2 'polypeptide(L)'
;MLKGTQSLNPHNDYCQHFVDTGHRPQNFIRDVGLADRFEEYPKLRELIRLKDELIAKSNTPPMYLQADIEAFDIRELTPK
FDVILLEPPLEEYYRETGITANEKCWTWDDIMKLEIDEIAAPRSFIFLWCGSGEGLDLGRVCLRKWGYRRCEDICWIKTN
KNNPGKTKTLDPKAVFQRTKEHCLMGIKGTVKRSTDGDFIHANVDIDLIITEEPEIGNIEKPVEIFHIIEHFCLGRRRLH
LFGRDSTIRPGWLTVGPTLTNSNYNAETYASYFSAPNSYLTGCTEEIERL
;
B
#
# COMPACT_ATOMS: atom_id res chain seq x y z
N LEU A 34 22.45 -1.68 27.26
CA LEU A 34 21.77 -2.62 28.15
C LEU A 34 20.61 -3.37 27.49
N PHE A 35 20.92 -4.56 26.96
CA PHE A 35 20.05 -5.42 26.15
C PHE A 35 18.61 -5.67 26.65
N PRO A 36 18.31 -5.71 27.96
CA PRO A 36 16.92 -6.10 28.37
C PRO A 36 15.92 -4.99 28.11
N PRO A 37 14.62 -5.29 28.15
CA PRO A 37 13.60 -4.26 27.92
C PRO A 37 13.80 -3.03 28.80
N GLN A 38 13.41 -1.88 28.25
CA GLN A 38 13.43 -0.59 28.92
C GLN A 38 12.21 0.18 28.44
N TRP A 39 11.59 0.96 29.32
CA TRP A 39 10.44 1.74 28.89
C TRP A 39 10.39 3.05 29.66
N ILE A 40 9.54 3.96 29.15
CA ILE A 40 9.28 5.27 29.75
C ILE A 40 7.79 5.55 29.59
N CYS A 41 7.06 5.61 30.71
CA CYS A 41 5.72 6.17 30.67
C CYS A 41 5.82 7.69 30.58
N CYS A 42 5.04 8.27 29.70
CA CYS A 42 5.11 9.70 29.47
C CYS A 42 4.15 10.07 28.36
N ASP A 43 4.16 11.34 27.99
CA ASP A 43 3.48 11.83 26.81
C ASP A 43 4.55 12.10 25.77
N ILE A 44 4.52 11.37 24.66
CA ILE A 44 5.55 11.54 23.66
C ILE A 44 5.58 12.97 23.12
N ARG A 45 4.47 13.71 23.25
CA ARG A 45 4.45 15.12 22.83
C ARG A 45 5.46 15.95 23.61
N TYR A 46 5.52 15.72 24.94
CA TYR A 46 6.24 16.59 25.87
C TYR A 46 7.55 16.01 26.38
N LEU A 47 7.85 14.75 26.08
CA LEU A 47 9.12 14.17 26.51
C LEU A 47 10.25 14.73 25.65
N ASP A 48 11.41 14.93 26.27
CA ASP A 48 12.60 15.45 25.59
C ASP A 48 13.42 14.25 25.13
N VAL A 49 13.12 13.76 23.92
CA VAL A 49 13.69 12.51 23.45
C VAL A 49 15.18 12.59 23.15
N SER A 50 15.76 13.79 23.15
CA SER A 50 17.19 13.93 22.92
C SER A 50 18.02 13.23 23.99
N ILE A 51 17.41 12.90 25.14
CA ILE A 51 18.17 12.22 26.17
C ILE A 51 18.40 10.75 25.81
N LEU A 52 17.65 10.23 24.84
CA LEU A 52 17.62 8.80 24.55
C LEU A 52 18.77 8.32 23.67
N GLY A 53 19.50 9.21 23.00
CA GLY A 53 20.54 8.77 22.08
C GLY A 53 20.04 8.53 20.66
N LYS A 54 20.86 7.79 19.90
CA LYS A 54 20.60 7.51 18.49
C LYS A 54 20.33 6.02 18.31
N PHE A 55 19.37 5.67 17.46
CA PHE A 55 18.96 4.29 17.29
C PHE A 55 19.12 3.86 15.84
N ALA A 56 19.43 2.57 15.66
CA ALA A 56 19.48 2.04 14.31
C ALA A 56 18.11 1.88 13.68
N VAL A 57 17.09 1.61 14.49
CA VAL A 57 15.72 1.47 14.01
C VAL A 57 14.79 2.27 14.91
N VAL A 58 13.84 2.98 14.29
CA VAL A 58 12.70 3.56 14.99
C VAL A 58 11.43 2.89 14.51
N MET A 59 10.51 2.63 15.45
CA MET A 59 9.18 2.18 15.10
C MET A 59 8.13 3.04 15.80
N ALA A 60 7.02 3.28 15.09
CA ALA A 60 5.92 4.06 15.60
C ALA A 60 4.63 3.54 15.01
N ASP A 61 3.60 3.45 15.85
CA ASP A 61 2.27 3.03 15.45
C ASP A 61 1.34 4.11 16.00
N PRO A 62 1.32 5.27 15.34
CA PRO A 62 0.76 6.46 15.98
C PRO A 62 -0.77 6.37 16.10
N PRO A 63 -1.33 7.01 17.11
CA PRO A 63 -2.80 7.16 17.19
C PRO A 63 -3.30 8.29 16.30
N TRP A 64 -3.23 8.04 14.99
CA TRP A 64 -3.70 9.04 14.03
C TRP A 64 -5.16 9.37 14.25
N ASP A 65 -5.46 10.66 14.19
CA ASP A 65 -6.82 11.21 14.13
C ASP A 65 -7.40 10.91 12.75
N ILE A 66 -7.69 9.65 12.48
CA ILE A 66 -8.02 9.25 11.11
C ILE A 66 -9.44 9.71 10.78
N HIS A 67 -10.40 8.83 11.01
CA HIS A 67 -11.81 9.13 10.82
C HIS A 67 -12.34 9.63 12.17
N MET A 68 -13.65 9.90 12.24
CA MET A 68 -14.23 10.50 13.42
C MET A 68 -14.26 9.48 14.57
N GLU A 69 -14.65 9.99 15.75
CA GLU A 69 -14.72 9.27 17.02
C GLU A 69 -13.34 8.96 17.57
N LEU A 70 -13.29 8.38 18.76
CA LEU A 70 -12.03 8.11 19.43
C LEU A 70 -12.13 7.02 20.50
N PRO A 71 -11.67 5.78 20.24
CA PRO A 71 -11.61 4.76 21.31
C PRO A 71 -10.44 5.00 22.27
N TYR A 72 -9.38 5.69 21.82
CA TYR A 72 -8.19 6.10 22.57
C TYR A 72 -7.95 7.59 22.29
N GLY A 73 -6.87 8.13 22.85
CA GLY A 73 -6.51 9.52 22.63
C GLY A 73 -5.62 9.77 21.41
N THR A 74 -6.14 10.47 20.40
CA THR A 74 -5.42 10.73 19.17
C THR A 74 -4.49 11.94 19.29
N LEU A 75 -3.76 12.20 18.20
CA LEU A 75 -2.91 13.36 18.03
C LEU A 75 -3.28 14.02 16.73
N THR A 76 -3.29 15.35 16.74
CA THR A 76 -3.65 16.08 15.54
C THR A 76 -2.53 15.99 14.52
N ASP A 77 -2.87 16.28 13.27
CA ASP A 77 -1.87 16.22 12.22
C ASP A 77 -0.66 17.08 12.55
N ASP A 78 -0.90 18.30 13.04
CA ASP A 78 0.22 19.19 13.40
C ASP A 78 1.06 18.59 14.51
N GLU A 79 0.41 17.98 15.51
CA GLU A 79 1.17 17.36 16.58
C GLU A 79 2.02 16.22 16.06
N MET A 80 1.51 15.46 15.09
CA MET A 80 2.33 14.42 14.46
C MET A 80 3.46 15.03 13.65
N ARG A 81 3.16 16.07 12.87
CA ARG A 81 4.23 16.75 12.14
C ARG A 81 5.30 17.25 13.09
N ARG A 82 4.90 17.71 14.27
CA ARG A 82 5.85 18.39 15.13
C ARG A 82 6.72 17.44 15.94
N LEU A 83 6.29 16.19 16.16
CA LEU A 83 7.08 15.21 16.90
C LEU A 83 8.55 15.26 16.49
N ASN A 84 9.42 15.24 17.49
CA ASN A 84 10.85 15.42 17.21
C ASN A 84 11.52 14.09 16.87
N ILE A 85 10.96 13.39 15.87
CA ILE A 85 11.57 12.20 15.29
C ILE A 85 12.98 12.46 14.79
N PRO A 86 13.28 13.61 14.15
CA PRO A 86 14.57 13.75 13.48
C PRO A 86 15.78 13.60 14.37
N VAL A 87 15.64 13.84 15.68
CA VAL A 87 16.80 13.73 16.57
C VAL A 87 17.15 12.29 16.91
N LEU A 88 16.23 11.34 16.70
CA LEU A 88 16.44 9.97 17.14
C LEU A 88 17.45 9.21 16.28
N GLN A 89 17.73 9.63 15.05
CA GLN A 89 18.58 8.84 14.18
C GLN A 89 19.52 9.71 13.36
N ASP A 90 20.72 9.19 13.12
CA ASP A 90 21.58 9.69 12.06
C ASP A 90 21.58 8.79 10.83
N ASP A 91 21.77 7.50 11.01
CA ASP A 91 21.62 6.56 9.92
C ASP A 91 20.75 5.41 10.39
N GLY A 92 19.75 5.08 9.60
CA GLY A 92 18.95 3.92 9.93
C GLY A 92 17.53 4.02 9.39
N PHE A 93 16.69 3.17 9.95
CA PHE A 93 15.42 2.81 9.39
C PHE A 93 14.28 3.17 10.34
N LEU A 94 13.21 3.70 9.77
CA LEU A 94 11.97 4.02 10.48
C LEU A 94 10.86 3.11 9.97
N PHE A 95 10.07 2.57 10.89
CA PHE A 95 8.91 1.74 10.58
C PHE A 95 7.66 2.43 11.12
N LEU A 96 6.67 2.66 10.24
CA LEU A 96 5.53 3.56 10.51
C LEU A 96 4.18 2.95 10.10
N TRP A 97 3.42 2.46 11.08
CA TRP A 97 2.13 1.87 10.75
C TRP A 97 1.15 2.95 10.34
N VAL A 98 0.30 2.63 9.36
CA VAL A 98 -0.65 3.60 8.81
C VAL A 98 -1.96 2.91 8.51
N THR A 99 -2.96 3.73 8.18
CA THR A 99 -4.31 3.26 7.93
C THR A 99 -5.15 4.41 7.44
N GLY A 100 -6.11 4.10 6.57
CA GLY A 100 -7.00 5.12 6.05
C GLY A 100 -6.21 6.25 5.41
N ARG A 101 -6.54 7.49 5.79
CA ARG A 101 -5.88 8.66 5.23
C ARG A 101 -4.48 8.86 5.80
N ALA A 102 -4.15 8.17 6.88
CA ALA A 102 -2.80 8.26 7.36
C ALA A 102 -1.81 7.64 6.37
N MET A 103 -2.28 6.89 5.37
CA MET A 103 -1.35 6.43 4.35
C MET A 103 -0.73 7.62 3.62
N GLU A 104 -1.51 8.68 3.39
CA GLU A 104 -0.96 9.91 2.83
C GLU A 104 -0.28 10.75 3.91
N LEU A 105 -0.96 10.95 5.04
CA LEU A 105 -0.36 11.72 6.11
C LEU A 105 0.95 11.10 6.55
N GLY A 106 0.93 9.79 6.77
CA GLY A 106 2.13 9.12 7.23
C GLY A 106 3.30 9.29 6.27
N ARG A 107 3.01 9.46 4.97
CA ARG A 107 4.06 9.71 4.00
C ARG A 107 4.60 11.12 4.13
N GLU A 108 3.75 12.04 4.53
CA GLU A 108 4.15 13.43 4.71
C GLU A 108 5.07 13.56 5.94
N CYS A 109 4.68 12.97 7.06
CA CYS A 109 5.55 12.99 8.23
C CYS A 109 6.86 12.28 7.93
N LEU A 110 6.76 11.16 7.23
CA LEU A 110 7.96 10.43 6.92
C LEU A 110 8.91 11.29 6.12
N ASN A 111 8.38 12.04 5.14
CA ASN A 111 9.23 12.90 4.32
C ASN A 111 9.71 14.11 5.11
N LEU A 112 8.82 14.76 5.87
CA LEU A 112 9.22 15.92 6.65
C LEU A 112 10.29 15.55 7.67
N TRP A 113 10.13 14.43 8.35
CA TRP A 113 11.13 14.07 9.35
C TRP A 113 12.48 13.72 8.72
N GLY A 114 12.55 13.66 7.39
CA GLY A 114 13.81 13.44 6.70
C GLY A 114 14.07 12.04 6.17
N TYR A 115 13.05 11.23 5.96
CA TYR A 115 13.26 9.90 5.44
C TYR A 115 12.80 9.81 3.99
N GLU A 116 13.38 8.85 3.29
CA GLU A 116 12.87 8.40 2.01
C GLU A 116 12.14 7.07 2.24
N ARG A 117 10.92 6.95 1.73
CA ARG A 117 10.20 5.69 1.85
C ARG A 117 10.73 4.72 0.80
N VAL A 118 11.25 3.58 1.25
CA VAL A 118 11.90 2.62 0.36
C VAL A 118 11.25 1.25 0.37
N ASP A 119 10.37 0.95 1.31
CA ASP A 119 9.61 -0.28 1.27
C ASP A 119 8.28 -0.01 1.92
N GLU A 120 7.43 -1.03 1.86
CA GLU A 120 6.14 -0.99 2.52
C GLU A 120 5.76 -2.43 2.85
N ILE A 121 5.64 -2.71 4.10
CA ILE A 121 5.25 -4.01 4.59
C ILE A 121 3.75 -4.03 4.74
N ILE A 122 3.11 -5.14 4.36
CA ILE A 122 1.70 -5.31 4.64
C ILE A 122 1.49 -6.61 5.42
N TRP A 123 0.70 -6.52 6.47
CA TRP A 123 0.35 -7.67 7.29
C TRP A 123 -1.00 -8.20 6.82
N VAL A 124 -1.04 -9.45 6.40
CA VAL A 124 -2.28 -10.12 6.02
C VAL A 124 -2.85 -10.80 7.25
N LYS A 125 -4.06 -10.38 7.66
CA LYS A 125 -4.68 -10.85 8.89
C LYS A 125 -5.40 -12.17 8.63
N THR A 126 -4.96 -13.24 9.30
CA THR A 126 -5.62 -14.55 9.24
C THR A 126 -6.21 -14.92 10.61
N ASN A 127 -6.80 -16.12 10.66
CA ASN A 127 -7.17 -16.75 11.92
C ASN A 127 -6.18 -17.88 12.24
N GLN A 128 -6.56 -18.72 13.20
CA GLN A 128 -5.72 -19.86 13.56
C GLN A 128 -5.69 -20.93 12.48
N LEU A 129 -6.59 -20.86 11.49
CA LEU A 129 -6.68 -21.82 10.40
C LEU A 129 -6.18 -21.27 9.07
N GLN A 130 -5.47 -20.14 9.10
CA GLN A 130 -4.74 -19.61 7.94
C GLN A 130 -5.69 -19.25 6.79
N ARG A 131 -6.83 -18.65 7.13
CA ARG A 131 -7.74 -18.08 6.15
C ARG A 131 -7.87 -16.58 6.41
N ILE A 132 -8.25 -15.83 5.39
CA ILE A 132 -8.25 -14.38 5.53
C ILE A 132 -9.53 -13.93 6.22
N ILE A 133 -9.38 -12.95 7.13
CA ILE A 133 -10.53 -12.39 7.85
C ILE A 133 -11.23 -11.30 7.03
CA GLY A 139 -12.40 2.21 3.89
C GLY A 139 -13.70 1.42 3.76
N HIS A 140 -14.65 1.98 3.01
CA HIS A 140 -15.98 1.42 2.89
C HIS A 140 -16.26 0.73 1.56
N TRP A 141 -15.37 0.86 0.57
CA TRP A 141 -15.60 0.19 -0.71
C TRP A 141 -15.19 -1.27 -0.68
N LEU A 142 -14.18 -1.60 0.14
CA LEU A 142 -13.55 -2.92 0.16
C LEU A 142 -13.30 -3.32 1.60
N ASN A 143 -13.55 -4.58 1.91
CA ASN A 143 -13.21 -5.10 3.23
C ASN A 143 -11.69 -5.19 3.36
N HIS A 144 -11.16 -4.90 4.54
CA HIS A 144 -9.73 -4.66 4.71
C HIS A 144 -9.07 -5.91 5.27
N GLY A 145 -8.34 -6.62 4.41
CA GLY A 145 -7.63 -7.81 4.79
C GLY A 145 -6.21 -7.59 5.21
N LYS A 146 -5.79 -6.33 5.43
CA LYS A 146 -4.38 -6.07 5.65
C LYS A 146 -4.20 -4.77 6.43
N GLU A 147 -2.97 -4.58 6.86
CA GLU A 147 -2.50 -3.36 7.51
C GLU A 147 -1.13 -3.04 6.94
N HIS A 148 -0.89 -1.75 6.71
CA HIS A 148 0.33 -1.28 6.05
C HIS A 148 1.31 -0.70 7.07
N CYS A 149 2.60 -1.00 6.87
CA CYS A 149 3.67 -0.38 7.64
C CYS A 149 4.71 0.17 6.67
N LEU A 150 4.81 1.51 6.59
CA LEU A 150 5.80 2.16 5.74
C LEU A 150 7.20 1.98 6.30
N VAL A 151 8.17 1.88 5.40
CA VAL A 151 9.58 1.76 5.74
C VAL A 151 10.35 2.94 5.15
N GLY A 152 11.06 3.67 6.01
CA GLY A 152 11.83 4.82 5.59
C GLY A 152 13.31 4.68 5.92
N VAL A 153 14.17 5.36 5.17
CA VAL A 153 15.61 5.34 5.42
C VAL A 153 16.11 6.76 5.60
N LYS A 154 17.06 6.95 6.51
CA LYS A 154 17.71 8.23 6.74
C LYS A 154 19.21 8.06 6.65
N GLY A 155 19.89 9.00 6.00
CA GLY A 155 21.34 8.89 5.95
C GLY A 155 21.77 7.72 5.10
N ASN A 156 22.86 7.06 5.53
CA ASN A 156 23.43 5.91 4.83
C ASN A 156 23.72 4.83 5.86
N PRO A 157 22.73 4.01 6.19
CA PRO A 157 22.98 2.90 7.11
C PRO A 157 23.90 1.87 6.48
N GLN A 158 24.77 1.28 7.30
CA GLN A 158 25.76 0.32 6.82
C GLN A 158 25.81 -0.89 7.73
N GLY A 159 26.01 -2.06 7.13
CA GLY A 159 26.06 -3.30 7.88
C GLY A 159 24.71 -3.86 8.25
N PHE A 160 23.71 -3.68 7.39
CA PHE A 160 22.39 -4.18 7.65
C PHE A 160 22.13 -5.33 6.69
N ASN A 161 21.39 -6.32 7.16
CA ASN A 161 21.07 -7.49 6.35
C ASN A 161 19.80 -7.24 5.56
N GLN A 162 19.92 -6.36 4.57
CA GLN A 162 18.80 -6.06 3.70
C GLN A 162 18.48 -7.27 2.84
N GLY A 163 17.20 -7.43 2.53
CA GLY A 163 16.73 -8.54 1.71
C GLY A 163 16.57 -9.88 2.39
N LEU A 164 16.64 -9.96 3.72
CA LEU A 164 16.43 -11.25 4.37
C LEU A 164 14.96 -11.66 4.35
N ASP A 165 14.11 -10.78 4.86
CA ASP A 165 12.69 -11.08 4.87
C ASP A 165 12.05 -10.52 3.61
N CYS A 166 10.81 -10.90 3.38
CA CYS A 166 10.05 -10.26 2.31
C CYS A 166 8.96 -9.35 2.88
N ASP A 167 8.48 -8.47 2.02
CA ASP A 167 7.61 -7.35 2.42
C ASP A 167 6.20 -7.78 2.84
N VAL A 168 5.90 -9.07 2.96
CA VAL A 168 4.59 -9.53 3.43
C VAL A 168 4.73 -10.27 4.75
N ILE A 169 3.77 -10.04 5.66
CA ILE A 169 3.66 -10.73 6.93
C ILE A 169 2.32 -11.44 6.97
N VAL A 170 2.33 -12.73 7.37
CA VAL A 170 1.10 -13.50 7.57
C VAL A 170 1.13 -14.03 8.99
N ALA A 171 0.06 -13.75 9.74
CA ALA A 171 0.03 -14.01 11.17
C ALA A 171 -1.41 -13.87 11.66
N GLU A 172 -1.73 -14.64 12.71
CA GLU A 172 -3.03 -14.57 13.33
C GLU A 172 -3.21 -13.23 14.03
N VAL A 173 -4.44 -12.72 14.01
CA VAL A 173 -4.83 -11.53 14.79
C VAL A 173 -4.98 -11.96 16.25
N ARG A 174 -3.96 -11.70 17.07
CA ARG A 174 -4.05 -12.08 18.48
C ARG A 174 -5.08 -11.23 19.21
N SER A 175 -4.80 -9.94 19.39
CA SER A 175 -5.72 -9.03 20.06
C SER A 175 -6.02 -7.86 19.14
N THR A 176 -7.19 -7.24 19.34
CA THR A 176 -7.53 -6.08 18.53
C THR A 176 -6.57 -4.94 18.83
N SER A 177 -6.30 -4.11 17.81
CA SER A 177 -5.39 -2.97 17.82
C SER A 177 -3.95 -3.35 18.12
N HIS A 178 -3.59 -4.63 18.10
CA HIS A 178 -2.21 -5.04 18.30
C HIS A 178 -1.56 -5.28 16.96
N LYS A 179 -0.24 -5.13 16.93
CA LYS A 179 0.60 -5.40 15.77
C LYS A 179 1.20 -6.78 15.91
N PRO A 180 1.60 -7.39 14.80
CA PRO A 180 2.09 -8.79 14.86
C PRO A 180 3.51 -8.84 15.41
N ASP A 181 3.75 -9.80 16.30
CA ASP A 181 5.07 -9.94 16.88
C ASP A 181 6.14 -10.23 15.82
N GLU A 182 5.75 -10.72 14.64
CA GLU A 182 6.73 -11.03 13.61
C GLU A 182 7.54 -9.80 13.21
N ILE A 183 6.96 -8.60 13.35
CA ILE A 183 7.67 -7.38 12.96
C ILE A 183 8.96 -7.21 13.75
N TYR A 184 8.98 -7.68 15.00
CA TYR A 184 10.19 -7.61 15.80
C TYR A 184 11.26 -8.57 15.27
N GLY A 185 10.86 -9.79 14.89
CA GLY A 185 11.82 -10.72 14.33
C GLY A 185 12.43 -10.19 13.04
N MET A 186 11.59 -9.64 12.16
CA MET A 186 12.09 -9.09 10.90
C MET A 186 13.09 -7.98 11.16
N ILE A 187 12.81 -7.16 12.18
CA ILE A 187 13.68 -6.01 12.47
C ILE A 187 14.99 -6.46 13.09
N GLU A 188 14.93 -7.44 14.01
CA GLU A 188 16.16 -8.00 14.57
C GLU A 188 17.06 -8.62 13.50
N ARG A 189 16.48 -9.37 12.57
CA ARG A 189 17.31 -9.96 11.53
C ARG A 189 17.93 -8.89 10.63
N LEU A 190 17.23 -7.78 10.44
CA LEU A 190 17.74 -6.74 9.56
C LEU A 190 18.91 -6.01 10.20
N SER A 191 18.82 -5.79 11.51
CA SER A 191 19.79 -4.98 12.24
C SER A 191 20.03 -5.62 13.60
N PRO A 192 20.75 -6.74 13.64
CA PRO A 192 20.88 -7.49 14.89
C PRO A 192 21.76 -6.78 15.89
N GLY A 193 21.34 -6.84 17.15
CA GLY A 193 22.06 -6.26 18.27
C GLY A 193 21.94 -4.77 18.47
N THR A 194 21.25 -4.04 17.61
CA THR A 194 21.33 -2.58 17.64
C THR A 194 20.30 -1.98 18.60
N ARG A 195 20.45 -0.68 18.85
CA ARG A 195 19.51 0.06 19.68
C ARG A 195 18.25 0.41 18.91
N LYS A 196 17.10 0.02 19.44
CA LYS A 196 15.83 0.30 18.79
C LYS A 196 14.90 1.00 19.77
N ILE A 197 14.00 1.83 19.23
CA ILE A 197 13.08 2.61 20.05
C ILE A 197 11.69 2.56 19.40
N GLU A 198 10.68 2.27 20.22
CA GLU A 198 9.30 2.24 19.78
C GLU A 198 8.55 3.40 20.40
N LEU A 199 7.78 4.10 19.57
CA LEU A 199 6.92 5.19 20.00
C LEU A 199 5.48 4.76 19.97
N PHE A 200 4.73 5.10 21.02
CA PHE A 200 3.31 4.78 21.12
C PHE A 200 3.13 3.28 21.29
N GLY A 201 4.04 2.66 22.00
CA GLY A 201 3.86 1.31 22.43
C GLY A 201 2.94 1.20 23.63
N ARG A 202 2.66 -0.05 23.97
CA ARG A 202 1.85 -0.47 25.10
C ARG A 202 2.61 -1.59 25.81
N PRO A 203 2.19 -1.97 27.03
CA PRO A 203 3.00 -2.90 27.82
C PRO A 203 3.50 -4.13 27.06
N HIS A 204 2.63 -4.79 26.27
CA HIS A 204 3.03 -6.03 25.60
C HIS A 204 4.14 -5.82 24.58
N ASN A 205 4.42 -4.58 24.18
CA ASN A 205 5.39 -4.30 23.13
C ASN A 205 6.83 -4.27 23.64
N VAL A 206 7.08 -4.39 24.94
CA VAL A 206 8.44 -4.22 25.42
C VAL A 206 9.26 -5.43 25.02
N GLN A 207 10.43 -5.17 24.46
CA GLN A 207 11.28 -6.18 23.86
C GLN A 207 12.72 -5.88 24.23
N PRO A 208 13.55 -6.91 24.39
CA PRO A 208 15.00 -6.71 24.46
C PRO A 208 15.48 -5.87 23.28
N ASN A 209 16.59 -5.16 23.51
CA ASN A 209 17.16 -4.19 22.59
C ASN A 209 16.23 -3.01 22.28
N TRP A 210 15.03 -2.96 22.88
CA TRP A 210 14.10 -1.88 22.59
C TRP A 210 13.87 -0.96 23.80
N ILE A 211 13.59 0.30 23.52
CA ILE A 211 13.10 1.24 24.52
C ILE A 211 11.69 1.64 24.09
N THR A 212 10.69 1.30 24.90
CA THR A 212 9.30 1.56 24.54
C THR A 212 8.81 2.85 25.22
N LEU A 213 8.24 3.76 24.42
CA LEU A 213 7.61 4.96 24.96
C LEU A 213 6.11 4.85 24.76
N GLY A 214 5.37 5.19 25.79
CA GLY A 214 3.92 5.15 25.72
C GLY A 214 3.37 5.65 27.02
N ASN A 215 2.12 6.09 26.97
CA ASN A 215 1.49 6.65 28.16
C ASN A 215 0.74 5.61 29.00
N GLN A 216 0.79 4.34 28.63
CA GLN A 216 0.15 3.27 29.37
C GLN A 216 1.19 2.34 30.00
N LEU A 217 2.46 2.75 30.03
CA LEU A 217 3.49 1.90 30.59
C LEU A 217 3.58 2.18 32.09
N ASP A 218 4.17 1.23 32.84
CA ASP A 218 4.24 1.32 34.29
C ASP A 218 5.56 2.00 34.63
N GLY A 219 5.52 3.32 34.69
CA GLY A 219 6.63 4.06 35.24
C GLY A 219 7.78 4.19 34.27
N ILE A 220 8.97 4.38 34.83
CA ILE A 220 10.19 4.56 34.03
C ILE A 220 11.17 3.45 34.40
N HIS A 221 11.44 2.54 33.47
CA HIS A 221 12.35 1.42 33.67
C HIS A 221 13.53 1.54 32.72
N LEU A 222 14.67 2.04 33.20
CA LEU A 222 15.82 2.30 32.34
C LEU A 222 17.08 1.71 32.97
N LEU A 223 17.92 1.13 32.12
CA LEU A 223 19.01 0.27 32.55
C LEU A 223 20.33 0.64 31.87
N ASP A 224 20.22 1.23 30.69
CA ASP A 224 21.40 1.71 29.97
C ASP A 224 22.00 2.87 30.75
N PRO A 225 23.27 2.81 31.13
CA PRO A 225 23.85 3.88 31.96
C PRO A 225 23.82 5.26 31.29
N ASP A 226 24.28 5.38 30.05
CA ASP A 226 24.28 6.69 29.37
C ASP A 226 22.89 7.30 29.34
N VAL A 227 21.87 6.48 29.16
CA VAL A 227 20.50 6.99 29.15
C VAL A 227 20.09 7.44 30.55
N VAL A 228 20.33 6.60 31.56
CA VAL A 228 19.97 6.94 32.94
C VAL A 228 20.60 8.27 33.34
N ALA A 229 21.86 8.47 32.97
CA ALA A 229 22.56 9.73 33.24
C ALA A 229 21.80 10.93 32.65
N ARG A 230 21.55 10.89 31.34
CA ARG A 230 20.93 12.06 30.70
C ARG A 230 19.51 12.27 31.19
N PHE A 231 18.84 11.21 31.62
CA PHE A 231 17.50 11.38 32.17
C PHE A 231 17.55 12.10 33.50
N LYS A 232 18.41 11.61 34.42
CA LYS A 232 18.57 12.27 35.72
C LYS A 232 19.03 13.72 35.56
N GLN A 233 19.91 13.99 34.59
CA GLN A 233 20.33 15.37 34.33
C GLN A 233 19.15 16.23 33.91
N ARG A 234 18.38 15.77 32.92
CA ARG A 234 17.27 16.57 32.40
C ARG A 234 16.08 16.57 33.37
N TYR A 235 15.82 15.44 34.02
CA TYR A 235 14.69 15.32 34.94
C TYR A 235 15.21 14.93 36.33
N PRO A 236 15.74 15.88 37.09
CA PRO A 236 16.24 15.52 38.44
C PRO A 236 15.14 15.11 39.41
N ASP A 237 13.94 15.67 39.30
CA ASP A 237 12.84 15.32 40.18
C ASP A 237 11.90 14.27 39.59
N GLY A 238 12.21 13.75 38.40
CA GLY A 238 11.46 12.64 37.82
C GLY A 238 10.07 12.94 37.28
N ILE A 239 9.90 14.05 36.57
CA ILE A 239 8.56 14.37 36.05
C ILE A 239 8.66 15.14 34.74
N ILE A 240 8.13 14.54 33.67
CA ILE A 240 8.13 15.18 32.35
C ILE A 240 7.10 16.31 32.29
N TYR B 14 6.07 -17.06 10.42
CA TYR B 14 6.17 -17.45 9.02
C TYR B 14 7.26 -16.67 8.33
N CYS B 15 7.65 -15.56 8.96
CA CYS B 15 8.76 -14.76 8.46
C CYS B 15 10.08 -15.45 8.77
N GLN B 16 10.16 -16.10 9.93
CA GLN B 16 11.31 -16.95 10.22
C GLN B 16 11.37 -18.14 9.25
N HIS B 17 10.21 -18.74 8.97
CA HIS B 17 10.16 -19.85 8.02
C HIS B 17 10.66 -19.45 6.64
N PHE B 18 10.24 -18.27 6.13
CA PHE B 18 10.75 -17.83 4.82
C PHE B 18 12.26 -17.62 4.86
N VAL B 19 12.77 -17.12 5.98
CA VAL B 19 14.21 -16.97 6.15
C VAL B 19 14.89 -18.34 6.11
N ASP B 20 14.15 -19.40 6.46
CA ASP B 20 14.67 -20.76 6.54
C ASP B 20 14.56 -21.53 5.22
N THR B 21 13.41 -21.44 4.52
CA THR B 21 13.08 -22.39 3.47
C THR B 21 12.85 -21.80 2.08
N GLY B 22 12.79 -20.48 1.93
CA GLY B 22 12.49 -19.86 0.65
C GLY B 22 11.01 -19.74 0.32
N HIS B 23 10.13 -20.16 1.22
CA HIS B 23 8.69 -20.05 1.02
C HIS B 23 8.20 -18.72 1.60
N ARG B 24 7.74 -17.83 0.74
CA ARG B 24 7.14 -16.61 1.20
C ARG B 24 5.96 -16.91 2.13
N PRO B 25 5.76 -16.10 3.16
CA PRO B 25 4.62 -16.35 4.07
C PRO B 25 3.30 -16.53 3.36
N GLN B 26 3.04 -15.80 2.26
CA GLN B 26 1.76 -15.92 1.56
C GLN B 26 1.52 -17.30 0.95
N ASN B 27 2.58 -18.12 0.79
CA ASN B 27 2.39 -19.47 0.27
C ASN B 27 1.40 -20.27 1.12
N PHE B 28 1.32 -19.98 2.41
CA PHE B 28 0.57 -20.81 3.35
C PHE B 28 -0.83 -20.28 3.65
N ILE B 29 -1.32 -19.31 2.89
CA ILE B 29 -2.71 -18.90 3.06
C ILE B 29 -3.60 -19.91 2.35
N ARG B 30 -4.63 -20.37 3.03
CA ARG B 30 -5.60 -21.27 2.42
C ARG B 30 -6.86 -20.50 2.04
N ASP B 31 -7.66 -21.11 1.15
CA ASP B 31 -8.91 -20.53 0.68
C ASP B 31 -8.65 -19.22 -0.08
N VAL B 32 -7.74 -19.30 -1.05
CA VAL B 32 -7.32 -18.13 -1.82
C VAL B 32 -7.50 -18.39 -3.32
N GLU B 46 -23.65 -15.75 0.50
CA GLU B 46 -23.78 -16.95 -0.33
C GLU B 46 -23.30 -16.72 -1.78
N LEU B 47 -24.25 -16.63 -2.72
CA LEU B 47 -23.93 -16.62 -4.15
C LEU B 47 -24.24 -15.25 -4.76
N ILE B 48 -23.18 -14.49 -5.02
CA ILE B 48 -23.29 -13.26 -5.81
C ILE B 48 -23.10 -13.63 -7.27
N ARG B 49 -23.55 -14.83 -7.64
CA ARG B 49 -23.48 -15.25 -9.04
C ARG B 49 -24.54 -14.55 -9.88
N LEU B 50 -25.65 -14.13 -9.27
CA LEU B 50 -26.61 -13.31 -9.99
C LEU B 50 -25.97 -12.00 -10.43
N LYS B 51 -25.27 -11.31 -9.52
CA LYS B 51 -24.57 -10.08 -9.90
C LYS B 51 -23.63 -10.32 -11.08
N ASP B 52 -22.91 -11.44 -11.10
CA ASP B 52 -22.01 -11.75 -12.20
C ASP B 52 -22.77 -11.84 -13.53
N GLU B 53 -24.01 -12.33 -13.49
CA GLU B 53 -24.78 -12.45 -14.73
C GLU B 53 -25.32 -11.08 -15.16
N LEU B 54 -25.73 -10.24 -14.20
CA LEU B 54 -26.27 -8.92 -14.57
C LEU B 54 -25.18 -8.01 -15.15
N ILE B 55 -23.95 -8.13 -14.66
CA ILE B 55 -22.83 -7.48 -15.32
C ILE B 55 -22.70 -7.99 -16.75
N ALA B 56 -22.82 -9.30 -16.94
CA ALA B 56 -22.60 -9.88 -18.26
C ALA B 56 -23.64 -9.38 -19.27
N LYS B 57 -24.90 -9.32 -18.87
CA LYS B 57 -25.94 -8.90 -19.80
C LYS B 57 -25.80 -7.42 -20.12
N SER B 58 -25.41 -6.64 -19.12
CA SER B 58 -25.29 -5.19 -19.24
C SER B 58 -24.04 -4.74 -20.02
N ASN B 59 -23.03 -5.61 -20.18
CA ASN B 59 -21.75 -5.22 -20.77
C ASN B 59 -21.87 -4.83 -22.25
N THR B 60 -21.24 -3.72 -22.62
CA THR B 60 -21.11 -3.31 -24.01
C THR B 60 -20.22 -4.29 -24.76
N PRO B 61 -20.32 -4.34 -26.09
CA PRO B 61 -19.36 -5.13 -26.85
C PRO B 61 -17.95 -4.65 -26.56
N PRO B 62 -16.97 -5.53 -26.62
CA PRO B 62 -15.60 -5.10 -26.38
C PRO B 62 -15.13 -4.17 -27.49
N MET B 63 -14.60 -3.01 -27.13
CA MET B 63 -13.96 -2.14 -28.11
C MET B 63 -12.51 -1.89 -27.71
N TYR B 64 -11.69 -1.67 -28.73
CA TYR B 64 -10.24 -1.63 -28.59
C TYR B 64 -9.72 -0.76 -29.72
N LEU B 65 -8.56 -0.14 -29.48
CA LEU B 65 -7.91 0.78 -30.41
C LEU B 65 -6.43 0.71 -30.14
N GLN B 66 -5.59 0.55 -31.16
CA GLN B 66 -4.17 0.66 -30.93
C GLN B 66 -3.82 2.13 -31.04
N ALA B 67 -3.00 2.61 -30.10
CA ALA B 67 -2.66 4.04 -30.07
C ALA B 67 -1.35 4.22 -29.33
N ASP B 68 -0.46 5.03 -29.88
CA ASP B 68 0.74 5.44 -29.16
C ASP B 68 0.35 6.52 -28.15
N ILE B 69 0.11 6.13 -26.90
CA ILE B 69 -0.54 7.02 -25.94
C ILE B 69 0.36 8.21 -25.61
N GLU B 70 1.68 7.99 -25.64
CA GLU B 70 2.61 9.10 -25.63
C GLU B 70 2.20 10.13 -26.68
N ALA B 71 2.06 9.69 -27.92
CA ALA B 71 1.82 10.56 -29.07
C ALA B 71 0.35 10.85 -29.32
N PHE B 72 -0.54 10.39 -28.46
CA PHE B 72 -1.96 10.36 -28.77
C PHE B 72 -2.68 11.40 -27.96
N ASP B 73 -3.50 12.21 -28.61
CA ASP B 73 -4.29 13.16 -27.85
C ASP B 73 -5.37 12.39 -27.10
N ILE B 74 -5.16 12.18 -25.79
CA ILE B 74 -6.22 11.64 -24.94
C ILE B 74 -7.28 12.73 -24.83
N ARG B 75 -8.15 12.81 -25.84
CA ARG B 75 -9.29 13.70 -25.79
C ARG B 75 -10.22 13.18 -26.86
N GLU B 76 -9.63 12.62 -27.92
CA GLU B 76 -10.32 11.83 -28.92
C GLU B 76 -10.99 10.61 -28.32
N LEU B 77 -10.74 10.32 -27.03
CA LEU B 77 -11.36 9.21 -26.30
C LEU B 77 -12.58 9.77 -25.62
N THR B 78 -13.72 9.68 -26.29
CA THR B 78 -14.96 10.20 -25.75
C THR B 78 -16.00 9.08 -25.72
N PRO B 79 -17.04 9.20 -24.88
CA PRO B 79 -17.32 10.32 -23.99
C PRO B 79 -16.46 10.22 -22.75
N LYS B 80 -16.85 10.86 -21.66
CA LYS B 80 -16.02 10.82 -20.48
C LYS B 80 -16.29 9.52 -19.74
N PHE B 81 -15.27 9.03 -19.02
CA PHE B 81 -15.22 7.65 -18.53
C PHE B 81 -15.61 7.58 -17.06
N ASP B 82 -16.36 6.53 -16.72
CA ASP B 82 -16.76 6.27 -15.35
C ASP B 82 -15.65 5.56 -14.58
N VAL B 83 -14.92 4.68 -15.23
CA VAL B 83 -13.82 3.95 -14.60
C VAL B 83 -12.63 4.06 -15.52
N ILE B 84 -11.44 4.25 -14.95
CA ILE B 84 -10.21 4.16 -15.73
C ILE B 84 -9.26 3.21 -15.03
N LEU B 85 -8.75 2.24 -15.77
CA LEU B 85 -7.76 1.27 -15.35
C LEU B 85 -6.49 1.60 -16.10
N LEU B 86 -5.42 1.82 -15.36
CA LEU B 86 -4.26 2.50 -15.91
C LEU B 86 -3.06 1.66 -15.52
N GLU B 87 -2.43 1.08 -16.53
CA GLU B 87 -1.52 -0.03 -16.34
C GLU B 87 -0.27 0.24 -17.15
N PRO B 88 0.43 1.34 -16.85
CA PRO B 88 1.54 1.76 -17.69
C PRO B 88 2.72 0.83 -17.50
N PRO B 89 3.53 0.64 -18.53
CA PRO B 89 4.63 -0.35 -18.43
C PRO B 89 5.86 0.18 -17.71
N LEU B 90 6.01 -0.19 -16.45
CA LEU B 90 7.11 0.33 -15.63
C LEU B 90 8.39 -0.40 -15.93
N GLU B 91 9.50 0.33 -15.84
CA GLU B 91 10.83 -0.27 -16.03
C GLU B 91 11.04 -1.44 -15.10
N GLU B 92 10.52 -1.36 -13.88
CA GLU B 92 10.71 -2.44 -12.91
C GLU B 92 10.05 -3.74 -13.35
N TYR B 93 9.00 -3.68 -14.19
CA TYR B 93 8.40 -4.92 -14.67
C TYR B 93 9.37 -5.72 -15.56
N TYR B 94 10.42 -5.06 -16.07
CA TYR B 94 11.45 -5.72 -16.86
C TYR B 94 12.79 -5.73 -16.12
N ARG B 95 12.79 -6.13 -14.85
CA ARG B 95 14.03 -6.27 -14.10
C ARG B 95 14.58 -7.69 -14.20
N GLU B 96 14.56 -8.20 -15.44
CA GLU B 96 14.90 -9.58 -15.75
C GLU B 96 14.78 -9.79 -17.25
N THR B 97 14.05 -8.91 -17.92
CA THR B 97 13.83 -8.97 -19.37
C THR B 97 13.22 -7.66 -19.90
N LYS B 104 9.32 -0.05 -25.09
CA LYS B 104 9.32 1.27 -24.45
C LYS B 104 8.76 1.28 -23.02
N CYS B 105 9.63 1.31 -22.00
CA CYS B 105 9.17 1.51 -20.64
C CYS B 105 8.68 2.96 -20.44
N TRP B 106 7.76 3.13 -19.49
CA TRP B 106 7.24 4.44 -19.08
C TRP B 106 7.77 4.81 -17.70
N THR B 107 8.38 5.99 -17.58
CA THR B 107 8.76 6.47 -16.26
C THR B 107 7.55 7.12 -15.59
N TRP B 108 7.67 7.35 -14.28
CA TRP B 108 6.61 8.08 -13.60
C TRP B 108 6.58 9.53 -14.06
N ASP B 109 7.73 10.01 -14.53
CA ASP B 109 7.80 11.27 -15.26
C ASP B 109 6.78 11.30 -16.40
N ASP B 110 6.78 10.28 -17.27
CA ASP B 110 5.87 10.26 -18.42
C ASP B 110 4.42 10.10 -17.99
N ILE B 111 4.14 9.26 -16.99
CA ILE B 111 2.76 8.97 -16.60
C ILE B 111 2.10 10.22 -16.07
N MET B 112 2.78 10.90 -15.14
CA MET B 112 2.28 12.11 -14.48
C MET B 112 1.88 13.21 -15.46
N LYS B 113 2.33 13.15 -16.71
CA LYS B 113 1.97 14.12 -17.72
C LYS B 113 0.75 13.73 -18.54
N LEU B 114 0.22 12.52 -18.38
CA LEU B 114 -0.99 12.14 -19.10
C LEU B 114 -2.16 12.97 -18.60
N GLU B 115 -2.95 13.51 -19.53
CA GLU B 115 -4.02 14.43 -19.13
C GLU B 115 -5.27 13.64 -18.70
N ILE B 116 -5.09 12.79 -17.69
CA ILE B 116 -6.18 11.89 -17.30
C ILE B 116 -7.44 12.67 -16.89
N ASP B 117 -7.28 13.83 -16.24
CA ASP B 117 -8.43 14.62 -15.81
C ASP B 117 -9.33 15.00 -16.98
N GLU B 118 -8.77 15.13 -18.19
CA GLU B 118 -9.54 15.57 -19.34
C GLU B 118 -10.56 14.53 -19.82
N ILE B 119 -10.36 13.25 -19.51
CA ILE B 119 -11.28 12.25 -20.03
C ILE B 119 -12.04 11.55 -18.91
N ALA B 120 -11.91 12.00 -17.67
CA ALA B 120 -12.63 11.39 -16.56
C ALA B 120 -13.98 12.07 -16.33
N ALA B 121 -15.01 11.26 -16.12
CA ALA B 121 -16.30 11.80 -15.71
C ALA B 121 -16.16 12.58 -14.41
N PRO B 122 -16.96 13.63 -14.22
CA PRO B 122 -16.86 14.42 -12.99
C PRO B 122 -16.97 13.59 -11.72
N ARG B 123 -17.76 12.52 -11.74
CA ARG B 123 -17.70 11.48 -10.73
C ARG B 123 -17.19 10.24 -11.44
N SER B 124 -16.00 9.78 -11.08
CA SER B 124 -15.41 8.64 -11.75
C SER B 124 -14.37 8.01 -10.84
N PHE B 125 -13.78 6.92 -11.32
CA PHE B 125 -12.89 6.07 -10.54
C PHE B 125 -11.69 5.72 -11.38
N ILE B 126 -10.54 5.68 -10.72
CA ILE B 126 -9.31 5.23 -11.34
C ILE B 126 -8.75 4.09 -10.50
N PHE B 127 -8.22 3.08 -11.18
CA PHE B 127 -7.37 2.07 -10.57
C PHE B 127 -6.05 2.14 -11.29
N LEU B 128 -4.98 2.36 -10.55
CA LEU B 128 -3.66 2.63 -11.12
C LEU B 128 -2.69 1.59 -10.59
N TRP B 129 -2.04 0.86 -11.51
CA TRP B 129 -1.05 -0.11 -11.09
C TRP B 129 0.23 0.64 -10.79
N CYS B 130 0.79 0.42 -9.61
CA CYS B 130 1.86 1.27 -9.16
C CYS B 130 3.16 0.52 -8.95
N GLY B 131 3.15 -0.80 -9.14
CA GLY B 131 4.31 -1.61 -8.85
C GLY B 131 4.51 -1.65 -7.35
N SER B 132 5.78 -1.69 -6.95
CA SER B 132 6.13 -1.78 -5.54
C SER B 132 7.27 -0.87 -5.12
N GLY B 133 7.65 0.11 -5.93
CA GLY B 133 8.75 0.97 -5.54
C GLY B 133 8.35 2.42 -5.37
N GLU B 134 9.03 3.29 -6.10
CA GLU B 134 8.68 4.71 -6.06
C GLU B 134 7.24 4.93 -6.49
N GLY B 135 6.70 4.03 -7.34
CA GLY B 135 5.33 4.17 -7.81
C GLY B 135 4.32 4.35 -6.69
N LEU B 136 4.60 3.78 -5.52
CA LEU B 136 3.61 3.87 -4.46
C LEU B 136 3.49 5.28 -3.94
N ASP B 137 4.54 6.10 -4.13
CA ASP B 137 4.47 7.52 -3.80
C ASP B 137 4.10 8.33 -5.05
N LEU B 138 4.84 8.13 -6.13
CA LEU B 138 4.55 8.87 -7.36
C LEU B 138 3.11 8.62 -7.83
N GLY B 139 2.61 7.38 -7.72
CA GLY B 139 1.24 7.12 -8.10
C GLY B 139 0.24 7.90 -7.25
N ARG B 140 0.56 8.13 -5.99
CA ARG B 140 -0.33 8.97 -5.20
C ARG B 140 -0.26 10.41 -5.64
N VAL B 141 0.88 10.85 -6.16
CA VAL B 141 0.99 12.20 -6.68
C VAL B 141 0.14 12.34 -7.93
N CYS B 142 0.22 11.37 -8.83
CA CYS B 142 -0.66 11.35 -10.00
C CYS B 142 -2.12 11.42 -9.59
N LEU B 143 -2.56 10.56 -8.68
CA LEU B 143 -3.98 10.57 -8.32
C LEU B 143 -4.40 11.95 -7.86
N ARG B 144 -3.55 12.59 -7.05
CA ARG B 144 -3.85 13.95 -6.62
C ARG B 144 -3.73 14.94 -7.78
N LYS B 145 -2.83 14.69 -8.74
CA LYS B 145 -2.71 15.64 -9.83
C LYS B 145 -3.95 15.65 -10.71
N TRP B 146 -4.54 14.48 -10.96
CA TRP B 146 -5.70 14.37 -11.84
C TRP B 146 -7.01 14.58 -11.11
N GLY B 147 -6.97 14.73 -9.79
CA GLY B 147 -8.13 15.11 -9.01
C GLY B 147 -8.82 14.04 -8.20
N TYR B 148 -8.15 12.93 -7.89
CA TYR B 148 -8.79 11.87 -7.12
C TYR B 148 -8.29 11.83 -5.69
N ARG B 149 -9.14 11.30 -4.81
CA ARG B 149 -8.78 10.85 -3.47
C ARG B 149 -8.55 9.34 -3.47
N ARG B 150 -7.55 8.89 -2.72
CA ARG B 150 -7.29 7.45 -2.64
C ARG B 150 -8.24 6.85 -1.62
N CYS B 151 -9.10 5.94 -2.07
CA CYS B 151 -10.02 5.27 -1.14
C CYS B 151 -9.61 3.86 -0.80
N GLU B 152 -9.00 3.13 -1.73
CA GLU B 152 -8.58 1.76 -1.50
C GLU B 152 -7.19 1.54 -2.04
N ASP B 153 -6.45 0.67 -1.35
CA ASP B 153 -5.11 0.22 -1.74
C ASP B 153 -5.25 -1.29 -1.96
N ILE B 154 -5.48 -1.71 -3.20
CA ILE B 154 -5.63 -3.12 -3.53
C ILE B 154 -4.27 -3.74 -3.77
N CYS B 155 -3.99 -4.85 -3.10
CA CYS B 155 -2.64 -5.39 -3.01
C CYS B 155 -2.59 -6.77 -3.67
N TRP B 156 -1.72 -6.94 -4.66
CA TRP B 156 -1.57 -8.21 -5.37
C TRP B 156 -0.38 -8.97 -4.79
N ILE B 157 -0.67 -9.93 -3.95
CA ILE B 157 0.37 -10.71 -3.29
C ILE B 157 0.67 -11.94 -4.14
N LYS B 158 1.96 -12.14 -4.48
CA LYS B 158 2.39 -13.21 -5.38
C LYS B 158 3.09 -14.31 -4.58
N THR B 159 2.51 -15.51 -4.61
CA THR B 159 3.14 -16.69 -4.03
C THR B 159 4.24 -17.23 -4.93
N ASN B 160 5.27 -17.85 -4.32
CA ASN B 160 6.29 -18.54 -5.09
C ASN B 160 6.31 -20.04 -4.76
N LYS B 161 5.13 -20.67 -4.79
CA LYS B 161 5.01 -22.08 -4.46
C LYS B 161 5.80 -22.97 -5.42
N ASN B 162 5.92 -22.57 -6.67
CA ASN B 162 6.53 -23.40 -7.69
C ASN B 162 7.99 -23.06 -7.95
N ASN B 163 8.62 -22.24 -7.11
CA ASN B 163 10.05 -22.00 -7.25
C ASN B 163 10.61 -21.35 -5.98
N PRO B 164 10.58 -22.04 -4.84
CA PRO B 164 11.21 -21.47 -3.64
C PRO B 164 12.72 -21.37 -3.78
N THR B 167 15.05 -16.80 -5.09
CA THR B 167 15.09 -15.47 -4.49
C THR B 167 15.11 -14.40 -5.58
N LYS B 168 15.02 -13.13 -5.17
CA LYS B 168 14.86 -12.02 -6.11
C LYS B 168 15.98 -11.01 -5.97
N THR B 169 16.50 -10.53 -7.11
CA THR B 169 17.48 -9.45 -7.12
C THR B 169 16.79 -8.13 -6.79
N LEU B 170 17.27 -7.47 -5.74
CA LEU B 170 16.55 -6.36 -5.11
C LEU B 170 16.93 -5.02 -5.72
N ASP B 171 15.94 -4.13 -5.78
CA ASP B 171 16.18 -2.71 -5.98
C ASP B 171 17.25 -2.23 -4.98
N PRO B 172 18.21 -1.43 -5.43
CA PRO B 172 19.23 -0.90 -4.49
C PRO B 172 18.67 -0.33 -3.20
N LYS B 173 17.57 0.42 -3.28
CA LYS B 173 16.99 1.01 -2.07
C LYS B 173 16.21 0.01 -1.25
N ALA B 174 15.93 -1.17 -1.80
CA ALA B 174 15.08 -2.13 -1.14
C ALA B 174 15.69 -2.57 0.20
N VAL B 175 14.81 -2.84 1.15
CA VAL B 175 15.19 -3.29 2.48
C VAL B 175 14.78 -4.74 2.60
N PHE B 176 13.70 -5.10 1.91
CA PHE B 176 13.16 -6.43 1.96
C PHE B 176 12.98 -6.94 0.55
N GLN B 177 12.69 -8.23 0.45
CA GLN B 177 12.35 -8.80 -0.85
C GLN B 177 10.94 -8.37 -1.18
N ARG B 178 10.75 -7.90 -2.40
CA ARG B 178 9.44 -7.41 -2.85
C ARG B 178 8.64 -8.52 -3.50
N THR B 179 7.45 -8.78 -2.97
CA THR B 179 6.64 -9.90 -3.41
C THR B 179 5.19 -9.53 -3.67
N LYS B 180 4.91 -8.24 -3.88
CA LYS B 180 3.55 -7.79 -4.14
C LYS B 180 3.62 -6.60 -5.09
N GLU B 181 2.46 -6.21 -5.59
CA GLU B 181 2.28 -4.97 -6.34
C GLU B 181 1.03 -4.29 -5.81
N HIS B 182 0.96 -2.96 -5.94
CA HIS B 182 -0.20 -2.20 -5.46
C HIS B 182 -0.99 -1.61 -6.63
N CYS B 183 -2.31 -1.69 -6.52
CA CYS B 183 -3.23 -1.06 -7.46
C CYS B 183 -4.04 -0.05 -6.67
N LEU B 184 -3.79 1.24 -6.89
CA LEU B 184 -4.46 2.29 -6.12
C LEU B 184 -5.82 2.66 -6.72
N MET B 185 -6.81 2.77 -5.87
CA MET B 185 -8.12 3.17 -6.34
C MET B 185 -8.42 4.60 -5.89
N GLY B 186 -8.83 5.43 -6.85
CA GLY B 186 -9.15 6.81 -6.57
C GLY B 186 -10.57 7.11 -7.03
N ILE B 187 -11.25 7.94 -6.26
CA ILE B 187 -12.58 8.48 -6.59
C ILE B 187 -12.47 9.99 -6.74
N LYS B 188 -13.20 10.57 -7.70
CA LYS B 188 -13.42 12.00 -7.77
C LYS B 188 -14.92 12.25 -7.81
N GLY B 189 -15.40 13.20 -7.02
CA GLY B 189 -16.82 13.48 -6.98
C GLY B 189 -17.48 12.93 -5.72
N THR B 190 -18.80 13.11 -5.67
CA THR B 190 -19.58 12.71 -4.49
C THR B 190 -19.80 11.20 -4.38
N VAL B 204 -18.37 -6.56 -0.11
CA VAL B 204 -18.44 -7.79 -0.89
C VAL B 204 -17.06 -8.45 -1.11
N ASP B 205 -16.08 -7.65 -1.51
CA ASP B 205 -14.74 -8.10 -1.92
C ASP B 205 -13.69 -7.69 -0.88
N ILE B 206 -12.46 -8.15 -1.12
CA ILE B 206 -11.32 -7.91 -0.26
C ILE B 206 -10.33 -7.05 -1.05
N ASP B 207 -9.43 -6.36 -0.34
CA ASP B 207 -8.41 -5.57 -1.01
C ASP B 207 -7.11 -6.35 -1.23
N LEU B 208 -7.20 -7.68 -1.41
CA LEU B 208 -6.07 -8.55 -1.68
C LEU B 208 -6.35 -9.45 -2.87
N ILE B 209 -5.34 -9.64 -3.72
CA ILE B 209 -5.39 -10.68 -4.75
C ILE B 209 -4.20 -11.60 -4.56
N ILE B 210 -4.46 -12.90 -4.45
CA ILE B 210 -3.40 -13.88 -4.23
C ILE B 210 -3.37 -14.83 -5.40
N THR B 211 -2.31 -14.73 -6.20
CA THR B 211 -1.96 -15.67 -7.23
C THR B 211 -0.48 -15.98 -7.10
N GLU B 212 -0.03 -16.92 -7.91
CA GLU B 212 1.39 -17.26 -7.95
C GLU B 212 2.10 -16.28 -8.87
N GLU B 213 3.35 -15.99 -8.54
CA GLU B 213 4.11 -15.04 -9.31
C GLU B 213 4.23 -15.49 -10.76
N PRO B 214 4.01 -14.61 -11.72
CA PRO B 214 4.09 -15.03 -13.13
C PRO B 214 5.52 -15.29 -13.56
N GLU B 215 5.63 -15.93 -14.73
CA GLU B 215 6.91 -16.28 -15.31
C GLU B 215 7.72 -15.04 -15.64
N ILE B 216 9.03 -15.10 -15.44
CA ILE B 216 9.87 -13.90 -15.55
C ILE B 216 9.59 -13.20 -16.88
N GLY B 217 9.37 -11.88 -16.81
CA GLY B 217 9.01 -11.14 -17.99
C GLY B 217 7.59 -11.37 -18.49
N ASN B 218 6.73 -11.98 -17.70
CA ASN B 218 5.30 -11.92 -17.97
C ASN B 218 4.73 -10.76 -17.16
N ILE B 219 4.13 -9.80 -17.86
CA ILE B 219 3.73 -8.56 -17.21
C ILE B 219 2.24 -8.51 -16.93
N GLU B 220 1.50 -9.56 -17.26
CA GLU B 220 0.06 -9.56 -17.06
C GLU B 220 -0.29 -9.33 -15.58
N LYS B 221 -1.28 -8.51 -15.36
CA LYS B 221 -1.81 -8.38 -14.01
C LYS B 221 -3.00 -9.30 -13.83
N PRO B 222 -3.20 -9.81 -12.61
CA PRO B 222 -4.31 -10.72 -12.36
C PRO B 222 -5.61 -10.19 -12.91
N VAL B 223 -6.27 -11.01 -13.74
CA VAL B 223 -7.63 -10.75 -14.18
C VAL B 223 -8.60 -10.49 -13.03
N GLU B 224 -8.27 -10.94 -11.82
CA GLU B 224 -9.12 -10.65 -10.67
C GLU B 224 -9.37 -9.16 -10.47
N ILE B 225 -8.44 -8.30 -10.92
CA ILE B 225 -8.65 -6.88 -10.77
C ILE B 225 -9.95 -6.47 -11.46
N PHE B 226 -10.25 -7.08 -12.61
CA PHE B 226 -11.45 -6.71 -13.36
C PHE B 226 -12.71 -7.12 -12.62
N HIS B 227 -12.68 -8.27 -11.94
CA HIS B 227 -13.85 -8.68 -11.18
C HIS B 227 -14.13 -7.68 -10.08
N ILE B 228 -13.11 -7.35 -9.29
CA ILE B 228 -13.26 -6.35 -8.24
C ILE B 228 -13.86 -5.07 -8.81
N ILE B 229 -13.33 -4.59 -9.93
CA ILE B 229 -13.88 -3.37 -10.49
C ILE B 229 -15.32 -3.57 -10.90
N GLU B 230 -15.61 -4.64 -11.64
CA GLU B 230 -16.98 -4.85 -12.12
C GLU B 230 -17.96 -4.99 -10.96
N HIS B 231 -17.59 -5.74 -9.93
CA HIS B 231 -18.46 -5.94 -8.79
C HIS B 231 -18.78 -4.63 -8.07
N PHE B 232 -18.08 -3.55 -8.38
CA PHE B 232 -18.36 -2.26 -7.74
C PHE B 232 -19.55 -1.54 -8.37
N CYS B 233 -19.91 -1.87 -9.60
CA CYS B 233 -21.08 -1.29 -10.25
C CYS B 233 -20.97 0.22 -10.36
N LEU B 234 -19.82 0.68 -10.87
CA LEU B 234 -19.47 2.09 -10.95
C LEU B 234 -19.91 2.77 -12.23
N GLY B 235 -20.60 2.09 -13.12
CA GLY B 235 -20.85 2.68 -14.41
C GLY B 235 -20.27 1.87 -15.54
N ARG B 236 -20.77 2.09 -16.75
CA ARG B 236 -20.46 1.24 -17.89
C ARG B 236 -19.41 1.81 -18.83
N ARG B 237 -19.08 3.09 -18.74
CA ARG B 237 -18.02 3.63 -19.61
C ARG B 237 -16.69 3.36 -18.92
N ARG B 238 -16.03 2.28 -19.35
CA ARG B 238 -14.83 1.72 -18.73
C ARG B 238 -13.69 1.70 -19.73
N LEU B 239 -12.55 2.25 -19.32
CA LEU B 239 -11.39 2.42 -20.20
C LEU B 239 -10.20 1.76 -19.54
N HIS B 240 -9.47 0.97 -20.30
CA HIS B 240 -8.23 0.33 -19.87
C HIS B 240 -7.12 0.86 -20.75
N LEU B 241 -6.26 1.67 -20.17
CA LEU B 241 -5.16 2.29 -20.90
C LEU B 241 -3.92 1.42 -20.75
N PHE B 242 -3.28 1.11 -21.87
CA PHE B 242 -2.14 0.20 -21.93
C PHE B 242 -2.57 -1.25 -21.77
N GLY B 243 -3.82 -1.56 -22.07
CA GLY B 243 -4.20 -2.94 -22.29
C GLY B 243 -3.45 -3.53 -23.47
N ARG B 244 -3.49 -4.85 -23.57
CA ARG B 244 -2.91 -5.56 -24.69
C ARG B 244 -4.01 -6.37 -25.37
N ASP B 245 -3.67 -7.06 -26.46
CA ASP B 245 -4.61 -8.01 -27.06
C ASP B 245 -5.19 -8.94 -25.99
N SER B 246 -4.37 -9.39 -25.05
CA SER B 246 -4.78 -10.38 -24.07
C SER B 246 -5.67 -9.82 -22.98
N THR B 247 -5.85 -8.52 -22.90
CA THR B 247 -6.68 -7.97 -21.85
C THR B 247 -8.06 -7.55 -22.33
N ILE B 248 -8.29 -7.54 -23.65
CA ILE B 248 -9.56 -7.13 -24.20
C ILE B 248 -10.71 -7.91 -23.58
N ARG B 249 -11.86 -7.25 -23.41
CA ARG B 249 -12.82 -7.75 -22.45
C ARG B 249 -14.18 -7.09 -22.64
N PRO B 250 -15.29 -7.84 -22.59
CA PRO B 250 -16.61 -7.19 -22.66
C PRO B 250 -16.76 -6.10 -21.63
N GLY B 251 -17.51 -5.07 -22.01
CA GLY B 251 -17.74 -3.96 -21.09
C GLY B 251 -16.54 -3.06 -20.88
N TRP B 252 -15.65 -2.97 -21.87
CA TRP B 252 -14.38 -2.31 -21.67
C TRP B 252 -13.87 -1.79 -22.99
N LEU B 253 -13.31 -0.58 -22.96
CA LEU B 253 -12.63 0.03 -24.10
C LEU B 253 -11.15 0.00 -23.80
N THR B 254 -10.40 -0.73 -24.60
CA THR B 254 -8.97 -0.90 -24.42
C THR B 254 -8.17 -0.07 -25.42
N VAL B 255 -7.21 0.72 -24.92
CA VAL B 255 -6.34 1.57 -25.74
C VAL B 255 -4.89 1.27 -25.38
N GLY B 256 -4.08 0.92 -26.39
CA GLY B 256 -2.73 0.50 -26.11
C GLY B 256 -1.80 0.48 -27.30
N PRO B 257 -0.50 0.69 -27.05
CA PRO B 257 0.43 0.72 -28.18
C PRO B 257 0.58 -0.60 -28.91
N THR B 258 0.43 -1.73 -28.22
CA THR B 258 0.75 -3.04 -28.80
C THR B 258 -0.46 -3.76 -29.36
N LEU B 259 -1.67 -3.19 -29.28
CA LEU B 259 -2.82 -3.83 -29.90
C LEU B 259 -2.61 -4.01 -31.39
N THR B 260 -2.97 -5.17 -31.90
CA THR B 260 -2.79 -5.49 -33.31
C THR B 260 -4.02 -5.20 -34.15
N ASN B 261 -5.17 -4.98 -33.54
CA ASN B 261 -6.38 -4.61 -34.29
C ASN B 261 -7.12 -3.55 -33.50
N SER B 262 -7.91 -2.75 -34.22
CA SER B 262 -8.77 -1.77 -33.61
C SER B 262 -10.17 -1.92 -34.19
N ASN B 263 -11.17 -1.59 -33.39
CA ASN B 263 -12.56 -1.51 -33.85
C ASN B 263 -13.25 -0.25 -33.35
N TYR B 264 -12.49 0.66 -32.74
CA TYR B 264 -13.08 1.80 -32.02
C TYR B 264 -13.77 2.76 -32.97
N ASN B 265 -14.96 3.19 -32.57
CA ASN B 265 -15.57 4.33 -33.23
C ASN B 265 -16.31 5.12 -32.16
N ALA B 266 -15.93 6.40 -32.00
CA ALA B 266 -16.48 7.21 -30.92
C ALA B 266 -18.00 7.32 -31.02
N GLU B 267 -18.52 7.49 -32.24
CA GLU B 267 -19.96 7.55 -32.39
C GLU B 267 -20.59 6.19 -32.14
N THR B 268 -19.96 5.11 -32.61
CA THR B 268 -20.48 3.78 -32.27
C THR B 268 -20.39 3.52 -30.77
N TYR B 269 -19.30 3.96 -30.14
CA TYR B 269 -19.14 3.80 -28.70
C TYR B 269 -20.18 4.63 -27.94
N ALA B 270 -20.38 5.89 -28.36
CA ALA B 270 -21.34 6.74 -27.67
C ALA B 270 -22.75 6.19 -27.75
N SER B 271 -23.08 5.45 -28.81
CA SER B 271 -24.43 4.92 -28.96
C SER B 271 -24.75 3.91 -27.88
N TYR B 272 -23.74 3.27 -27.29
CA TYR B 272 -24.04 2.31 -26.23
C TYR B 272 -24.54 2.98 -24.97
N PHE B 273 -24.33 4.30 -24.81
CA PHE B 273 -24.69 5.01 -23.60
C PHE B 273 -25.70 6.12 -23.84
N SER B 274 -26.20 6.28 -25.05
CA SER B 274 -27.28 7.23 -25.27
C SER B 274 -28.51 6.77 -24.52
N ALA B 275 -29.41 7.71 -24.26
CA ALA B 275 -30.62 7.42 -23.50
C ALA B 275 -31.38 6.27 -24.15
N PRO B 276 -32.04 5.42 -23.36
CA PRO B 276 -32.22 5.51 -21.91
C PRO B 276 -31.17 4.75 -21.07
N ASN B 277 -29.92 4.70 -21.52
CA ASN B 277 -28.93 3.86 -20.86
C ASN B 277 -27.77 4.65 -20.26
N SER B 278 -27.88 5.98 -20.20
CA SER B 278 -26.73 6.82 -19.86
C SER B 278 -26.21 6.61 -18.45
N TYR B 279 -27.06 6.17 -17.51
CA TYR B 279 -26.71 6.19 -16.09
C TYR B 279 -26.66 4.82 -15.44
N LEU B 280 -26.73 3.73 -16.21
CA LEU B 280 -26.77 2.39 -15.65
C LEU B 280 -25.49 2.10 -14.85
N THR B 281 -25.65 1.41 -13.71
CA THR B 281 -24.48 1.05 -12.93
C THR B 281 -23.61 0.03 -13.62
N GLY B 282 -24.16 -0.74 -14.54
CA GLY B 282 -23.51 -1.93 -15.02
C GLY B 282 -23.92 -3.18 -14.27
N CYS B 283 -24.83 -3.04 -13.30
CA CYS B 283 -25.24 -4.12 -12.43
C CYS B 283 -26.75 -4.30 -12.40
N THR B 284 -27.48 -3.60 -13.27
CA THR B 284 -28.92 -3.67 -13.28
C THR B 284 -29.37 -4.33 -14.57
N GLU B 285 -30.69 -4.51 -14.71
CA GLU B 285 -31.21 -5.09 -15.94
C GLU B 285 -31.09 -4.09 -17.07
N GLU B 286 -31.00 -4.60 -18.29
CA GLU B 286 -31.07 -3.73 -19.46
C GLU B 286 -32.44 -3.08 -19.53
N ILE B 287 -32.48 -1.82 -19.95
CA ILE B 287 -33.75 -1.11 -20.14
C ILE B 287 -34.42 -1.61 -21.41
N GLU B 288 -35.68 -2.03 -21.30
CA GLU B 288 -36.36 -2.79 -22.35
C GLU B 288 -37.01 -1.94 -23.45
#